data_3MVG
#
_entry.id   3MVG
#
_cell.length_a   49.879
_cell.length_b   84.809
_cell.length_c   69.080
_cell.angle_alpha   90.00
_cell.angle_beta   97.67
_cell.angle_gamma   90.00
#
_symmetry.space_group_name_H-M   'P 1 21 1'
#
loop_
_entity.id
_entity.type
_entity.pdbx_description
1 polymer 'Ribosome inactivating type 1 protein'
2 non-polymer 'SULFATE ION'
3 non-polymer GLYCEROL
4 water water
#
_entity_poly.entity_id   1
_entity_poly.type   'polypeptide(L)'
_entity_poly.pdbx_seq_one_letter_code
;IETVEFRVTGTTRRSYSDFLQNLRNRLSSGTSVHDIPLLPAQSGSQQDLLFVRLFDWGNRPITLVLNRVNAYVVAYQAQN
RFYLLSDTPANPQVYGNNPHRLTFTGSYGALQNVAKSNRENIDLGINPLATAITTLHNWSPPTVETSVARSLIVLIQLVS
ETARFRAIEQRVTNNIIDQVTPIRYDNFRPRVGIIDLQTNWQTLSTEVQRAEGGRFLQPVKLQVSVQQTVVISDVEKART
FCGLALLLRWRPSQASLSSHDFAWRDIRSILDIGA
;
_entity_poly.pdbx_strand_id   A,B
#
loop_
_chem_comp.id
_chem_comp.type
_chem_comp.name
_chem_comp.formula
GOL non-polymer GLYCEROL 'C3 H8 O3'
SO4 non-polymer 'SULFATE ION' 'O4 S -2'
#
# COMPACT_ATOMS: atom_id res chain seq x y z
N ILE A 1 18.94 19.65 13.86
N ILE A 1 18.79 20.44 13.68
CA ILE A 1 18.74 18.90 12.58
CA ILE A 1 18.67 19.46 12.56
C ILE A 1 17.25 18.81 12.24
C ILE A 1 17.20 19.20 12.24
N GLU A 2 16.91 19.01 10.96
CA GLU A 2 15.54 18.79 10.48
C GLU A 2 14.93 17.54 11.10
N THR A 3 13.72 17.67 11.62
CA THR A 3 13.07 16.59 12.38
C THR A 3 11.67 16.30 11.87
N VAL A 4 11.38 15.00 11.72
N VAL A 4 11.35 15.02 11.71
CA VAL A 4 10.07 14.46 11.34
CA VAL A 4 9.97 14.62 11.52
C VAL A 4 9.57 13.58 12.49
C VAL A 4 9.58 13.80 12.74
N GLU A 5 8.35 13.81 12.96
N GLU A 5 8.28 13.75 13.01
CA GLU A 5 7.84 13.10 14.13
CA GLU A 5 7.77 13.15 14.23
C GLU A 5 6.73 12.09 13.85
C GLU A 5 6.66 12.16 13.93
N PHE A 6 6.63 11.06 14.70
CA PHE A 6 5.54 10.09 14.65
C PHE A 6 5.24 9.64 16.07
N ARG A 7 3.95 9.60 16.42
CA ARG A 7 3.50 9.13 17.73
C ARG A 7 2.57 7.95 17.58
N VAL A 8 2.79 6.91 18.38
CA VAL A 8 1.91 5.74 18.26
C VAL A 8 0.47 5.99 18.70
N THR A 9 0.28 6.87 19.68
N THR A 9 0.26 6.82 19.73
CA THR A 9 -1.05 7.18 20.22
CA THR A 9 -1.09 7.02 20.24
C THR A 9 -1.97 7.71 19.12
C THR A 9 -1.96 7.67 19.17
N GLY A 10 -3.10 7.04 18.93
CA GLY A 10 -4.09 7.46 17.95
C GLY A 10 -3.75 7.13 16.51
N THR A 11 -2.75 6.26 16.29
CA THR A 11 -2.32 5.93 14.93
C THR A 11 -3.45 5.38 14.08
N THR A 12 -3.55 5.94 12.87
CA THR A 12 -4.46 5.45 11.84
C THR A 12 -3.61 5.11 10.60
N ARG A 13 -4.23 4.46 9.61
N ARG A 13 -4.24 4.46 9.62
CA ARG A 13 -3.55 4.18 8.35
CA ARG A 13 -3.58 4.18 8.34
C ARG A 13 -3.03 5.50 7.76
C ARG A 13 -3.06 5.48 7.73
N ARG A 14 -3.89 6.52 7.78
CA ARG A 14 -3.58 7.83 7.24
C ARG A 14 -2.42 8.51 7.96
N SER A 15 -2.42 8.47 9.29
CA SER A 15 -1.35 9.15 10.04
C SER A 15 0.01 8.49 9.83
N TYR A 16 0.03 7.16 9.74
CA TYR A 16 1.28 6.44 9.49
C TYR A 16 1.77 6.74 8.07
N SER A 17 0.88 6.68 7.10
CA SER A 17 1.27 6.99 5.72
C SER A 17 1.68 8.45 5.54
N ASP A 18 1.01 9.38 6.22
CA ASP A 18 1.41 10.78 6.17
C ASP A 18 2.82 10.98 6.73
N PHE A 19 3.11 10.32 7.85
CA PHE A 19 4.44 10.33 8.43
C PHE A 19 5.49 9.88 7.41
N LEU A 20 5.28 8.74 6.79
CA LEU A 20 6.26 8.21 5.85
C LEU A 20 6.41 9.12 4.64
N GLN A 21 5.33 9.72 4.18
CA GLN A 21 5.45 10.59 3.00
C GLN A 21 6.23 11.84 3.33
N ASN A 22 5.97 12.45 4.49
N ASN A 22 5.94 12.44 4.49
CA ASN A 22 6.76 13.59 4.94
CA ASN A 22 6.72 13.56 4.99
C ASN A 22 8.23 13.21 5.10
C ASN A 22 8.19 13.18 5.04
N LEU A 23 8.47 12.01 5.61
CA LEU A 23 9.81 11.49 5.73
C LEU A 23 10.50 11.38 4.36
N ARG A 24 9.82 10.77 3.38
CA ARG A 24 10.37 10.66 2.04
C ARG A 24 10.69 12.02 1.46
N ASN A 25 9.81 12.99 1.68
CA ASN A 25 10.00 14.34 1.13
C ASN A 25 11.24 15.04 1.68
N ARG A 26 11.56 14.78 2.94
CA ARG A 26 12.76 15.34 3.57
C ARG A 26 14.02 14.57 3.23
N LEU A 27 13.91 13.24 3.08
CA LEU A 27 15.05 12.41 2.67
C LEU A 27 15.49 12.74 1.27
N SER A 28 14.53 12.88 0.38
CA SER A 28 14.75 13.10 -1.04
C SER A 28 15.66 14.30 -1.33
N SER A 29 16.47 14.16 -2.39
CA SER A 29 17.26 15.27 -2.91
C SER A 29 16.43 16.23 -3.74
N GLY A 30 15.18 15.85 -4.04
CA GLY A 30 14.35 16.66 -4.94
C GLY A 30 14.40 16.17 -6.37
N THR A 31 15.54 15.63 -6.79
CA THR A 31 15.67 15.01 -8.11
C THR A 31 14.76 13.78 -8.19
N SER A 32 14.10 13.65 -9.33
CA SER A 32 13.16 12.58 -9.62
C SER A 32 13.73 11.76 -10.78
N VAL A 33 13.77 10.44 -10.62
CA VAL A 33 14.19 9.55 -11.71
C VAL A 33 13.07 8.55 -11.95
N HIS A 34 12.48 8.58 -13.15
CA HIS A 34 11.30 7.76 -13.46
C HIS A 34 10.22 7.86 -12.38
N ASP A 35 10.01 9.08 -11.89
CA ASP A 35 8.98 9.39 -10.90
C ASP A 35 9.21 8.78 -9.53
N ILE A 36 10.47 8.41 -9.25
N ILE A 36 10.47 8.42 -9.24
CA ILE A 36 10.89 7.98 -7.93
CA ILE A 36 10.88 7.97 -7.91
C ILE A 36 11.95 8.97 -7.44
C ILE A 36 11.97 8.91 -7.41
N PRO A 37 11.82 9.43 -6.18
CA PRO A 37 12.82 10.36 -5.64
C PRO A 37 14.21 9.74 -5.57
N LEU A 38 15.20 10.54 -5.97
CA LEU A 38 16.60 10.17 -5.86
C LEU A 38 17.17 10.73 -4.57
N LEU A 39 17.79 9.87 -3.77
CA LEU A 39 18.40 10.32 -2.54
C LEU A 39 19.66 11.14 -2.84
N PRO A 40 20.08 11.99 -1.89
CA PRO A 40 21.25 12.86 -2.13
C PRO A 40 22.56 12.10 -2.26
N ALA A 41 23.54 12.79 -2.83
CA ALA A 41 24.94 12.39 -2.74
C ALA A 41 25.47 12.75 -1.34
N GLN A 42 26.41 11.98 -0.83
CA GLN A 42 27.01 12.29 0.48
C GLN A 42 27.84 13.58 0.39
N SER A 43 27.55 14.54 1.27
CA SER A 43 28.25 15.82 1.29
C SER A 43 29.32 15.89 2.38
N GLY A 44 29.17 15.05 3.40
CA GLY A 44 30.06 15.10 4.57
C GLY A 44 29.65 16.14 5.59
N SER A 45 28.51 16.78 5.38
CA SER A 45 27.99 17.80 6.27
C SER A 45 26.69 17.37 6.94
N GLN A 46 26.24 18.17 7.91
CA GLN A 46 24.98 17.96 8.63
C GLN A 46 23.76 17.96 7.72
N GLN A 47 23.90 18.52 6.52
CA GLN A 47 22.82 18.50 5.52
C GLN A 47 22.45 17.06 5.15
N ASP A 48 23.38 16.12 5.37
CA ASP A 48 23.18 14.70 5.10
C ASP A 48 22.26 14.01 6.11
N LEU A 49 21.97 14.67 7.24
CA LEU A 49 21.26 14.00 8.34
C LEU A 49 19.80 14.40 8.45
N LEU A 50 19.00 13.51 9.03
CA LEU A 50 17.61 13.78 9.33
C LEU A 50 17.28 13.11 10.65
N PHE A 51 16.55 13.81 11.52
CA PHE A 51 16.10 13.23 12.78
C PHE A 51 14.65 12.76 12.63
N VAL A 52 14.36 11.60 13.21
CA VAL A 52 13.01 11.04 13.23
C VAL A 52 12.67 10.79 14.68
N ARG A 53 11.83 11.65 15.25
CA ARG A 53 11.46 11.54 16.65
C ARG A 53 10.21 10.69 16.80
N LEU A 54 10.33 9.60 17.56
CA LEU A 54 9.27 8.62 17.71
C LEU A 54 8.81 8.56 19.15
N PHE A 55 7.50 8.52 19.35
CA PHE A 55 6.90 8.55 20.71
C PHE A 55 6.14 7.26 20.99
N ASP A 56 6.39 6.67 22.15
CA ASP A 56 5.70 5.44 22.57
C ASP A 56 4.32 5.74 23.16
N TRP A 57 3.66 4.72 23.72
CA TRP A 57 2.29 4.92 24.22
C TRP A 57 2.20 5.98 25.31
N GLY A 58 3.27 6.18 26.06
CA GLY A 58 3.32 7.20 27.11
C GLY A 58 3.97 8.50 26.66
N ASN A 59 4.09 8.70 25.35
CA ASN A 59 4.81 9.84 24.78
C ASN A 59 6.25 10.02 25.24
N ARG A 60 6.90 8.90 25.58
N ARG A 60 6.89 8.91 25.60
CA ARG A 60 8.33 8.92 25.81
CA ARG A 60 8.33 8.90 25.80
C ARG A 60 9.01 8.80 24.46
C ARG A 60 8.96 8.85 24.41
N PRO A 61 9.88 9.77 24.11
CA PRO A 61 10.47 9.77 22.78
C PRO A 61 11.87 9.19 22.70
N ILE A 62 12.21 8.68 21.51
N ILE A 62 12.21 8.71 21.51
CA ILE A 62 13.60 8.46 21.09
CA ILE A 62 13.59 8.58 21.09
C ILE A 62 13.75 9.05 19.70
C ILE A 62 13.70 9.32 19.78
N THR A 63 14.93 9.56 19.36
CA THR A 63 15.16 10.18 18.07
C THR A 63 16.12 9.34 17.26
N LEU A 64 15.65 8.78 16.16
CA LEU A 64 16.53 8.12 15.22
C LEU A 64 17.27 9.16 14.40
N VAL A 65 18.54 8.88 14.10
CA VAL A 65 19.30 9.70 13.17
C VAL A 65 19.43 8.91 11.89
N LEU A 66 18.89 9.47 10.80
N LEU A 66 18.91 9.47 10.80
CA LEU A 66 19.01 8.84 9.50
CA LEU A 66 18.98 8.85 9.48
C LEU A 66 20.04 9.57 8.66
C LEU A 66 19.95 9.58 8.58
N ASN A 67 20.73 8.82 7.81
CA ASN A 67 21.54 9.37 6.76
C ASN A 67 20.63 9.51 5.55
N ARG A 68 20.45 10.74 5.07
CA ARG A 68 19.60 10.98 3.90
C ARG A 68 20.10 10.26 2.64
N VAL A 69 21.41 10.01 2.57
CA VAL A 69 22.00 9.32 1.41
C VAL A 69 21.39 7.94 1.20
N ASN A 70 21.11 7.22 2.29
CA ASN A 70 20.60 5.87 2.15
C ASN A 70 19.31 5.60 2.93
N ALA A 71 18.77 6.65 3.56
CA ALA A 71 17.54 6.57 4.36
C ALA A 71 17.65 5.62 5.55
N TYR A 72 18.88 5.36 6.01
CA TYR A 72 19.12 4.34 7.02
C TYR A 72 19.58 4.93 8.35
N VAL A 73 19.31 4.18 9.42
CA VAL A 73 19.64 4.60 10.78
C VAL A 73 21.15 4.52 11.03
N VAL A 74 21.72 5.59 11.60
CA VAL A 74 23.15 5.60 11.97
C VAL A 74 23.36 5.77 13.49
N ALA A 75 22.31 6.20 14.19
CA ALA A 75 22.40 6.52 15.62
C ALA A 75 21.01 6.74 16.15
N TYR A 76 20.88 6.80 17.46
CA TYR A 76 19.62 7.26 18.06
C TYR A 76 19.91 7.99 19.35
N GLN A 77 18.99 8.88 19.74
CA GLN A 77 19.05 9.54 21.04
C GLN A 77 17.96 9.02 21.96
N ALA A 78 18.33 8.79 23.21
CA ALA A 78 17.39 8.41 24.27
C ALA A 78 17.81 9.10 25.54
N GLN A 79 16.87 9.79 26.17
CA GLN A 79 17.10 10.49 27.45
C GLN A 79 18.39 11.30 27.44
N ASN A 80 18.51 12.16 26.43
CA ASN A 80 19.62 13.11 26.32
C ASN A 80 21.02 12.51 26.19
N ARG A 81 21.10 11.30 25.63
CA ARG A 81 22.37 10.72 25.21
C ARG A 81 22.20 10.08 23.84
N PHE A 82 23.19 10.27 22.98
CA PHE A 82 23.22 9.58 21.68
C PHE A 82 23.95 8.25 21.77
N TYR A 83 23.49 7.31 20.95
CA TYR A 83 23.98 5.96 20.84
C TYR A 83 24.30 5.75 19.37
N LEU A 84 25.56 5.43 19.10
CA LEU A 84 26.06 5.31 17.73
C LEU A 84 26.25 3.88 17.35
N LEU A 85 25.85 3.52 16.13
CA LEU A 85 26.25 2.23 15.58
C LEU A 85 27.78 2.23 15.44
N SER A 86 28.38 1.04 15.44
N SER A 86 28.35 1.02 15.42
CA SER A 86 29.84 0.94 15.56
CA SER A 86 29.80 0.82 15.49
C SER A 86 30.61 1.64 14.43
C SER A 86 30.57 1.60 14.44
N ASP A 87 29.99 1.71 13.25
CA ASP A 87 30.63 2.33 12.09
C ASP A 87 30.32 3.82 11.87
N THR A 88 29.52 4.40 12.74
CA THR A 88 29.09 5.79 12.57
C THR A 88 30.19 6.76 12.98
N PRO A 89 30.62 7.65 12.05
CA PRO A 89 31.66 8.61 12.42
C PRO A 89 31.24 9.52 13.58
N ALA A 90 32.17 9.74 14.49
CA ALA A 90 31.97 10.66 15.61
C ALA A 90 31.68 12.07 15.14
N ASN A 91 30.88 12.80 15.90
CA ASN A 91 30.50 14.17 15.55
C ASN A 91 29.99 14.88 16.79
N PRO A 92 30.88 15.54 17.55
CA PRO A 92 30.47 16.22 18.78
C PRO A 92 29.35 17.25 18.59
N GLN A 93 29.32 17.90 17.42
CA GLN A 93 28.30 18.92 17.12
C GLN A 93 26.89 18.34 17.05
N VAL A 94 26.78 17.09 16.65
CA VAL A 94 25.48 16.44 16.52
C VAL A 94 25.20 15.53 17.71
N TYR A 95 26.19 14.72 18.08
CA TYR A 95 25.98 13.63 19.04
C TYR A 95 26.38 13.96 20.48
N GLY A 96 26.91 15.17 20.70
CA GLY A 96 27.42 15.54 22.01
C GLY A 96 28.83 15.03 22.25
N ASN A 97 29.36 15.35 23.42
CA ASN A 97 30.75 15.03 23.73
C ASN A 97 31.00 13.61 24.19
N ASN A 98 29.97 12.97 24.74
N ASN A 98 29.99 12.96 24.76
CA ASN A 98 30.09 11.62 25.29
CA ASN A 98 30.16 11.59 25.23
C ASN A 98 28.98 10.66 24.85
C ASN A 98 29.03 10.65 24.84
N PRO A 99 28.78 10.49 23.53
CA PRO A 99 27.79 9.50 23.11
C PRO A 99 28.35 8.09 23.35
N HIS A 100 27.46 7.10 23.43
CA HIS A 100 27.90 5.74 23.60
C HIS A 100 27.95 5.01 22.26
N ARG A 101 29.07 4.34 21.98
CA ARG A 101 29.19 3.57 20.76
C ARG A 101 28.82 2.11 21.00
N LEU A 102 27.84 1.64 20.23
N LEU A 102 27.83 1.63 20.24
CA LEU A 102 27.41 0.25 20.26
CA LEU A 102 27.42 0.23 20.28
C LEU A 102 28.44 -0.63 19.55
C LEU A 102 28.49 -0.65 19.63
N THR A 103 28.46 -1.91 19.87
N THR A 103 28.46 -1.95 19.90
CA THR A 103 29.50 -2.80 19.34
CA THR A 103 29.47 -2.85 19.36
C THR A 103 29.16 -3.39 17.96
C THR A 103 29.23 -3.22 17.90
N PHE A 104 27.98 -3.07 17.45
CA PHE A 104 27.51 -3.61 16.17
C PHE A 104 27.15 -2.53 15.16
N THR A 105 27.22 -2.92 13.88
CA THR A 105 26.74 -2.06 12.81
C THR A 105 25.23 -2.29 12.62
N GLY A 106 24.68 -1.55 11.66
CA GLY A 106 23.26 -1.65 11.32
C GLY A 106 22.91 -2.69 10.28
N SER A 107 23.87 -3.52 9.86
CA SER A 107 23.52 -4.59 8.92
C SER A 107 22.57 -5.56 9.60
N TYR A 108 21.67 -6.17 8.84
CA TYR A 108 20.78 -7.17 9.44
C TYR A 108 21.56 -8.36 9.99
N GLY A 109 22.67 -8.71 9.35
CA GLY A 109 23.54 -9.79 9.84
C GLY A 109 24.02 -9.47 11.25
N ALA A 110 24.56 -8.27 11.44
CA ALA A 110 25.03 -7.86 12.76
C ALA A 110 23.88 -7.73 13.76
N LEU A 111 22.80 -7.08 13.34
CA LEU A 111 21.66 -6.89 14.25
C LEU A 111 21.06 -8.21 14.70
N GLN A 112 20.86 -9.12 13.75
CA GLN A 112 20.26 -10.42 14.05
C GLN A 112 21.15 -11.28 14.96
N ASN A 113 22.46 -11.18 14.76
CA ASN A 113 23.40 -11.85 15.65
C ASN A 113 23.26 -11.35 17.08
N VAL A 114 23.26 -10.04 17.27
CA VAL A 114 23.15 -9.46 18.60
C VAL A 114 21.78 -9.73 19.23
N ALA A 115 20.72 -9.65 18.42
N ALA A 115 20.72 -9.64 18.43
CA ALA A 115 19.36 -9.87 18.90
CA ALA A 115 19.36 -9.94 18.87
C ALA A 115 19.06 -11.34 19.20
C ALA A 115 19.16 -11.45 19.04
N LYS A 116 19.87 -12.23 18.65
N LYS A 116 20.14 -12.23 18.58
CA LYS A 116 19.67 -13.67 18.82
CA LYS A 116 20.11 -13.68 18.68
C LYS A 116 18.37 -14.10 18.18
C LYS A 116 18.87 -14.25 18.01
N SER A 117 18.00 -13.41 17.10
N SER A 117 18.30 -13.50 17.07
CA SER A 117 16.73 -13.64 16.45
CA SER A 117 17.15 -13.98 16.34
C SER A 117 16.80 -13.15 15.01
C SER A 117 17.01 -13.29 15.00
N ASN A 118 16.37 -13.98 14.07
CA ASN A 118 16.18 -13.53 12.71
C ASN A 118 14.92 -12.70 12.62
N ARG A 119 14.91 -11.69 11.75
CA ARG A 119 13.73 -10.81 11.67
C ARG A 119 12.48 -11.49 11.12
N GLU A 120 12.63 -12.66 10.49
CA GLU A 120 11.48 -13.48 10.12
C GLU A 120 10.65 -13.88 11.33
N ASN A 121 11.27 -13.82 12.51
CA ASN A 121 10.62 -14.23 13.76
C ASN A 121 10.28 -13.08 14.71
N ILE A 122 10.27 -11.86 14.18
CA ILE A 122 10.02 -10.65 14.98
C ILE A 122 8.77 -9.95 14.46
N ASP A 123 7.76 -9.85 15.33
CA ASP A 123 6.49 -9.19 14.99
C ASP A 123 6.70 -7.73 14.61
N LEU A 124 6.01 -7.30 13.56
CA LEU A 124 5.97 -5.91 13.14
C LEU A 124 4.54 -5.40 13.17
N GLY A 125 4.39 -4.17 13.66
CA GLY A 125 3.08 -3.53 13.79
C GLY A 125 3.25 -2.36 14.73
N ILE A 126 2.13 -1.70 15.06
CA ILE A 126 2.19 -0.53 15.92
C ILE A 126 2.57 -0.88 17.37
N ASN A 127 2.09 -2.00 17.89
CA ASN A 127 2.52 -2.40 19.22
C ASN A 127 4.03 -2.72 19.29
N PRO A 128 4.56 -3.51 18.33
CA PRO A 128 6.02 -3.70 18.29
C PRO A 128 6.79 -2.39 18.15
N LEU A 129 6.25 -1.47 17.37
N LEU A 129 6.26 -1.48 17.35
CA LEU A 129 6.87 -0.15 17.18
CA LEU A 129 6.89 -0.17 17.20
C LEU A 129 6.96 0.59 18.53
C LEU A 129 6.98 0.55 18.55
N ALA A 130 5.84 0.63 19.25
CA ALA A 130 5.81 1.26 20.58
C ALA A 130 6.76 0.58 21.54
N THR A 131 6.78 -0.75 21.55
CA THR A 131 7.67 -1.48 22.44
C THR A 131 9.14 -1.21 22.13
N ALA A 132 9.47 -1.12 20.85
CA ALA A 132 10.84 -0.83 20.45
C ALA A 132 11.26 0.56 20.92
N ILE A 133 10.36 1.54 20.78
CA ILE A 133 10.65 2.88 21.27
C ILE A 133 10.89 2.87 22.79
N THR A 134 10.00 2.22 23.53
CA THR A 134 10.12 2.16 24.99
C THR A 134 11.43 1.50 25.40
N THR A 135 11.78 0.42 24.70
CA THR A 135 12.98 -0.35 25.00
C THR A 135 14.23 0.52 24.82
N LEU A 136 14.32 1.22 23.70
CA LEU A 136 15.44 2.11 23.49
C LEU A 136 15.41 3.29 24.44
N HIS A 137 14.21 3.77 24.77
CA HIS A 137 14.10 4.89 25.72
C HIS A 137 14.74 4.54 27.06
N ASN A 138 14.51 3.31 27.51
CA ASN A 138 14.91 2.88 28.85
C ASN A 138 16.29 2.23 28.94
N TRP A 139 16.82 1.73 27.83
CA TRP A 139 18.09 1.00 27.87
C TRP A 139 19.28 1.90 28.09
N SER A 140 20.22 1.43 28.91
CA SER A 140 21.51 2.07 29.02
C SER A 140 22.60 1.03 29.24
N PRO A 141 23.81 1.30 28.71
CA PRO A 141 24.92 0.41 29.01
C PRO A 141 25.22 0.48 30.52
N PRO A 142 25.78 -0.60 31.09
CA PRO A 142 26.34 -1.75 30.41
C PRO A 142 25.42 -2.97 30.31
N THR A 143 24.10 -2.80 30.36
CA THR A 143 23.27 -3.98 30.11
C THR A 143 23.53 -4.51 28.71
N VAL A 144 23.35 -5.81 28.52
N VAL A 144 23.32 -5.82 28.54
CA VAL A 144 23.65 -6.44 27.25
CA VAL A 144 23.57 -6.51 27.28
C VAL A 144 22.85 -5.78 26.14
C VAL A 144 22.81 -5.82 26.13
N GLU A 145 23.38 -5.87 24.93
CA GLU A 145 22.83 -5.15 23.77
C GLU A 145 21.67 -5.85 23.08
N THR A 146 21.30 -7.04 23.54
CA THR A 146 20.33 -7.88 22.83
C THR A 146 19.07 -7.12 22.42
N SER A 147 18.46 -6.44 23.38
CA SER A 147 17.17 -5.76 23.16
C SER A 147 17.32 -4.49 22.35
N VAL A 148 18.51 -3.90 22.33
CA VAL A 148 18.78 -2.73 21.49
C VAL A 148 18.76 -3.17 20.02
N ALA A 149 19.50 -4.23 19.70
CA ALA A 149 19.50 -4.75 18.35
C ALA A 149 18.10 -5.20 17.92
N ARG A 150 17.38 -5.89 18.80
CA ARG A 150 16.04 -6.33 18.48
C ARG A 150 15.13 -5.13 18.14
N SER A 151 15.21 -4.10 18.98
CA SER A 151 14.38 -2.91 18.80
C SER A 151 14.73 -2.16 17.53
N LEU A 152 16.02 -2.09 17.20
CA LEU A 152 16.46 -1.47 15.96
C LEU A 152 15.99 -2.24 14.73
N ILE A 153 15.93 -3.56 14.81
CA ILE A 153 15.38 -4.36 13.71
C ILE A 153 13.94 -3.92 13.42
N VAL A 154 13.14 -3.75 14.47
CA VAL A 154 11.75 -3.31 14.34
C VAL A 154 11.69 -1.90 13.75
N LEU A 155 12.44 -0.97 14.33
CA LEU A 155 12.37 0.43 13.92
C LEU A 155 12.92 0.68 12.52
N ILE A 156 14.04 0.04 12.18
CA ILE A 156 14.60 0.15 10.85
C ILE A 156 13.59 -0.31 9.80
N GLN A 157 12.93 -1.43 10.06
CA GLN A 157 11.95 -1.91 9.09
C GLN A 157 10.73 -1.01 8.97
N LEU A 158 10.26 -0.47 10.09
CA LEU A 158 9.05 0.34 10.09
C LEU A 158 9.26 1.81 9.76
N VAL A 159 10.52 2.22 9.64
CA VAL A 159 10.85 3.59 9.26
C VAL A 159 11.63 3.60 7.94
N SER A 160 12.83 3.02 7.93
CA SER A 160 13.67 3.03 6.72
C SER A 160 13.12 2.15 5.60
N GLU A 161 12.74 0.92 5.91
CA GLU A 161 12.34 -0.01 4.84
C GLU A 161 10.99 0.36 4.24
N THR A 162 10.06 0.80 5.06
CA THR A 162 8.77 1.30 4.56
C THR A 162 8.93 2.61 3.77
N ALA A 163 9.86 3.48 4.19
CA ALA A 163 10.16 4.67 3.39
C ALA A 163 10.67 4.25 2.00
N ARG A 164 11.54 3.23 1.96
CA ARG A 164 12.12 2.74 0.69
C ARG A 164 11.11 2.00 -0.18
N PHE A 165 10.18 1.28 0.45
CA PHE A 165 9.25 0.40 -0.29
C PHE A 165 7.82 0.56 0.17
N ARG A 166 6.99 1.12 -0.70
CA ARG A 166 5.56 1.22 -0.41
C ARG A 166 4.90 -0.14 -0.26
N ALA A 167 5.48 -1.19 -0.85
CA ALA A 167 4.95 -2.54 -0.66
C ALA A 167 5.05 -2.98 0.79
N ILE A 168 6.10 -2.54 1.48
CA ILE A 168 6.24 -2.84 2.90
C ILE A 168 5.31 -1.96 3.74
N GLU A 169 5.25 -0.66 3.42
CA GLU A 169 4.26 0.23 4.02
C GLU A 169 2.86 -0.39 3.98
N GLN A 170 2.49 -0.93 2.82
CA GLN A 170 1.17 -1.53 2.62
C GLN A 170 0.85 -2.63 3.65
N ARG A 171 1.84 -3.47 3.93
N ARG A 171 1.84 -3.46 3.95
CA ARG A 171 1.70 -4.54 4.92
CA ARG A 171 1.64 -4.54 4.91
C ARG A 171 1.32 -3.94 6.26
C ARG A 171 1.39 -4.01 6.32
N VAL A 172 1.98 -2.85 6.63
CA VAL A 172 1.73 -2.17 7.89
C VAL A 172 0.33 -1.56 7.91
N THR A 173 -0.03 -0.80 6.88
CA THR A 173 -1.34 -0.14 6.90
C THR A 173 -2.49 -1.14 6.80
N ASN A 174 -2.27 -2.28 6.15
CA ASN A 174 -3.29 -3.34 6.12
C ASN A 174 -3.60 -3.93 7.51
N ASN A 175 -2.72 -3.64 8.47
CA ASN A 175 -2.87 -4.15 9.81
C ASN A 175 -3.18 -3.08 10.85
N ILE A 176 -3.44 -1.87 10.39
CA ILE A 176 -3.97 -0.83 11.26
C ILE A 176 -5.47 -0.80 11.03
N ILE A 177 -6.22 -1.32 11.99
CA ILE A 177 -7.65 -1.56 11.82
C ILE A 177 -8.36 -0.37 12.43
N ASP A 178 -8.42 0.72 11.67
CA ASP A 178 -8.86 1.98 12.23
C ASP A 178 -10.33 2.30 11.98
N GLN A 179 -11.06 1.34 11.42
CA GLN A 179 -12.51 1.54 11.24
C GLN A 179 -13.35 0.93 12.36
N VAL A 180 -12.66 0.34 13.33
CA VAL A 180 -13.31 -0.14 14.56
C VAL A 180 -12.91 0.78 15.72
N THR A 181 -13.72 0.78 16.79
CA THR A 181 -13.42 1.58 17.98
C THR A 181 -13.46 0.68 19.23
N PRO A 182 -12.36 0.64 20.01
CA PRO A 182 -11.07 1.31 19.76
C PRO A 182 -10.35 0.77 18.53
N ILE A 183 -9.44 1.57 17.98
CA ILE A 183 -8.59 1.13 16.86
C ILE A 183 -7.83 -0.11 17.30
N ARG A 184 -7.74 -1.09 16.41
CA ARG A 184 -6.96 -2.29 16.68
C ARG A 184 -5.70 -2.32 15.83
N TYR A 185 -4.63 -2.89 16.38
CA TYR A 185 -3.34 -2.96 15.69
C TYR A 185 -2.85 -4.39 15.61
N ASP A 186 -2.92 -4.97 14.42
CA ASP A 186 -2.50 -6.36 14.23
C ASP A 186 -1.03 -6.43 13.83
N ASN A 187 -0.44 -7.60 14.00
CA ASN A 187 0.96 -7.85 13.70
C ASN A 187 1.13 -8.78 12.52
N PHE A 188 2.26 -8.64 11.84
CA PHE A 188 2.71 -9.63 10.87
C PHE A 188 4.20 -9.82 11.07
N ARG A 189 4.73 -10.90 10.51
CA ARG A 189 6.17 -11.09 10.47
C ARG A 189 6.60 -11.06 9.01
N PRO A 190 7.72 -10.38 8.70
CA PRO A 190 8.10 -10.22 7.29
C PRO A 190 8.40 -11.55 6.65
N ARG A 191 7.82 -11.74 5.45
CA ARG A 191 7.95 -12.97 4.69
C ARG A 191 9.33 -13.01 4.01
N VAL A 192 9.69 -14.17 3.46
CA VAL A 192 10.88 -14.31 2.62
C VAL A 192 10.85 -13.28 1.49
N GLY A 193 9.64 -12.97 1.01
CA GLY A 193 9.44 -11.96 -0.02
C GLY A 193 9.84 -10.56 0.42
N ILE A 194 9.41 -10.17 1.62
N ILE A 194 9.45 -10.19 1.63
CA ILE A 194 9.72 -8.85 2.15
CA ILE A 194 9.79 -8.88 2.17
C ILE A 194 11.22 -8.72 2.39
C ILE A 194 11.29 -8.79 2.45
N ILE A 195 11.80 -9.78 2.94
N ILE A 195 11.87 -9.84 3.03
CA ILE A 195 13.23 -9.79 3.22
CA ILE A 195 13.32 -9.85 3.25
C ILE A 195 14.08 -9.67 1.95
C ILE A 195 14.10 -9.66 1.94
N ASP A 196 13.66 -10.36 0.89
CA ASP A 196 14.38 -10.30 -0.38
C ASP A 196 14.24 -8.94 -1.04
N LEU A 197 13.08 -8.32 -0.85
CA LEU A 197 12.87 -6.98 -1.33
C LEU A 197 13.87 -6.01 -0.67
N GLN A 198 13.96 -6.09 0.66
CA GLN A 198 14.90 -5.27 1.43
C GLN A 198 16.33 -5.46 0.93
N THR A 199 16.72 -6.72 0.72
CA THR A 199 18.07 -7.07 0.25
C THR A 199 18.41 -6.47 -1.12
N ASN A 200 17.38 -6.25 -1.93
CA ASN A 200 17.57 -5.83 -3.31
C ASN A 200 17.37 -4.33 -3.57
N TRP A 201 17.35 -3.54 -2.51
CA TRP A 201 17.11 -2.11 -2.67
C TRP A 201 18.16 -1.41 -3.53
N GLN A 202 19.43 -1.66 -3.24
CA GLN A 202 20.50 -1.05 -4.05
C GLN A 202 20.42 -1.53 -5.51
N THR A 203 20.23 -2.83 -5.70
CA THR A 203 20.16 -3.39 -7.04
C THR A 203 19.02 -2.77 -7.85
N LEU A 204 17.84 -2.70 -7.24
CA LEU A 204 16.69 -2.10 -7.92
C LEU A 204 16.95 -0.62 -8.19
N SER A 205 17.52 0.09 -7.22
CA SER A 205 17.81 1.51 -7.35
C SER A 205 18.72 1.76 -8.55
N THR A 206 19.79 0.97 -8.64
CA THR A 206 20.75 1.09 -9.73
C THR A 206 20.11 0.77 -11.08
N GLU A 207 19.33 -0.30 -11.15
CA GLU A 207 18.68 -0.68 -12.40
C GLU A 207 17.73 0.41 -12.89
N VAL A 208 17.02 1.06 -11.96
CA VAL A 208 16.15 2.18 -12.35
C VAL A 208 16.97 3.30 -12.99
N GLN A 209 18.12 3.61 -12.39
CA GLN A 209 18.97 4.71 -12.88
C GLN A 209 19.66 4.40 -14.21
N ARG A 210 19.91 3.13 -14.49
CA ARG A 210 20.62 2.72 -15.72
C ARG A 210 19.67 2.27 -16.82
N ALA A 211 18.37 2.22 -16.54
CA ALA A 211 17.40 1.69 -17.49
C ALA A 211 17.37 2.50 -18.79
N GLU A 212 17.12 1.79 -19.89
CA GLU A 212 17.04 2.41 -21.21
C GLU A 212 15.64 2.21 -21.76
N GLY A 213 14.98 3.32 -22.07
CA GLY A 213 13.56 3.27 -22.42
C GLY A 213 12.74 2.59 -21.34
N GLY A 214 13.16 2.76 -20.09
CA GLY A 214 12.49 2.14 -18.95
C GLY A 214 12.81 0.68 -18.71
N ARG A 215 13.54 0.05 -19.64
CA ARG A 215 13.87 -1.37 -19.52
C ARG A 215 15.18 -1.59 -18.77
N PHE A 216 15.18 -2.51 -17.82
CA PHE A 216 16.38 -2.81 -17.04
C PHE A 216 17.45 -3.46 -17.91
N LEU A 217 18.69 -3.04 -17.74
CA LEU A 217 19.82 -3.73 -18.36
C LEU A 217 19.98 -5.14 -17.79
N GLN A 218 19.72 -5.28 -16.49
CA GLN A 218 19.82 -6.56 -15.80
C GLN A 218 18.55 -6.81 -14.99
N PRO A 219 17.61 -7.61 -15.53
CA PRO A 219 16.40 -7.95 -14.78
C PRO A 219 16.70 -8.52 -13.39
N VAL A 220 15.85 -8.19 -12.43
CA VAL A 220 16.08 -8.50 -11.03
C VAL A 220 15.09 -9.58 -10.58
N LYS A 221 15.62 -10.75 -10.23
CA LYS A 221 14.78 -11.82 -9.70
C LYS A 221 14.56 -11.59 -8.20
N LEU A 222 13.29 -11.71 -7.80
CA LEU A 222 12.90 -11.56 -6.39
C LEU A 222 12.12 -12.77 -5.92
N GLN A 223 12.42 -13.22 -4.71
CA GLN A 223 11.60 -14.22 -4.06
C GLN A 223 10.28 -13.61 -3.63
N VAL A 224 9.19 -14.32 -3.87
CA VAL A 224 7.91 -13.96 -3.24
C VAL A 224 7.59 -14.94 -2.12
N SER A 225 8.30 -16.06 -2.11
CA SER A 225 8.21 -17.10 -1.08
C SER A 225 9.49 -17.92 -1.18
N VAL A 226 9.60 -18.97 -0.37
CA VAL A 226 10.78 -19.85 -0.46
C VAL A 226 10.87 -20.48 -1.86
N GLN A 227 9.73 -20.91 -2.39
CA GLN A 227 9.68 -21.71 -3.62
C GLN A 227 9.33 -20.92 -4.88
N GLN A 228 8.78 -19.72 -4.73
CA GLN A 228 8.29 -18.96 -5.89
C GLN A 228 9.00 -17.62 -6.05
N THR A 229 9.16 -17.22 -7.31
CA THR A 229 9.89 -16.01 -7.67
C THR A 229 9.13 -15.21 -8.73
N VAL A 230 9.49 -13.93 -8.83
CA VAL A 230 9.09 -13.10 -9.96
C VAL A 230 10.33 -12.37 -10.48
N VAL A 231 10.23 -11.79 -11.66
CA VAL A 231 11.33 -11.04 -12.23
C VAL A 231 10.88 -9.62 -12.52
N ILE A 232 11.65 -8.65 -12.05
CA ILE A 232 11.40 -7.24 -12.30
C ILE A 232 12.31 -6.79 -13.44
N SER A 233 11.72 -6.36 -14.55
CA SER A 233 12.47 -6.11 -15.79
C SER A 233 12.39 -4.66 -16.27
N ASP A 234 11.60 -3.84 -15.60
CA ASP A 234 11.45 -2.45 -16.04
C ASP A 234 11.12 -1.52 -14.88
N VAL A 235 11.28 -0.22 -15.11
N VAL A 235 11.27 -0.21 -15.11
CA VAL A 235 11.07 0.78 -14.08
CA VAL A 235 11.08 0.80 -14.07
C VAL A 235 9.63 0.79 -13.57
C VAL A 235 9.64 0.93 -13.60
N GLU A 236 8.67 0.70 -14.49
CA GLU A 236 7.26 0.76 -14.11
C GLU A 236 6.93 -0.35 -13.13
N LYS A 237 7.43 -1.57 -13.39
CA LYS A 237 7.18 -2.68 -12.47
C LYS A 237 7.83 -2.43 -11.10
N ALA A 238 9.05 -1.90 -11.11
CA ALA A 238 9.73 -1.56 -9.84
C ALA A 238 8.91 -0.55 -9.03
N ARG A 239 8.41 0.49 -9.70
CA ARG A 239 7.61 1.50 -9.03
C ARG A 239 6.25 0.95 -8.59
N THR A 240 5.63 0.13 -9.44
CA THR A 240 4.24 -0.30 -9.22
C THR A 240 4.12 -1.55 -8.34
N PHE A 241 4.88 -2.58 -8.68
CA PHE A 241 4.80 -3.86 -7.97
C PHE A 241 5.60 -3.82 -6.67
N CYS A 242 6.86 -3.40 -6.74
CA CYS A 242 7.70 -3.33 -5.54
C CYS A 242 7.38 -2.13 -4.67
N GLY A 243 6.73 -1.12 -5.25
CA GLY A 243 6.53 0.14 -4.55
C GLY A 243 7.85 0.83 -4.24
N LEU A 244 8.86 0.63 -5.09
CA LEU A 244 10.14 1.30 -4.89
C LEU A 244 9.90 2.80 -4.82
N ALA A 245 10.33 3.43 -3.72
CA ALA A 245 9.85 4.77 -3.39
C ALA A 245 10.95 5.78 -3.12
N LEU A 246 12.17 5.29 -2.99
CA LEU A 246 13.38 6.11 -2.86
C LEU A 246 14.49 5.37 -3.57
N LEU A 247 15.37 6.11 -4.23
CA LEU A 247 16.49 5.50 -4.95
C LEU A 247 17.82 5.83 -4.31
N LEU A 248 18.59 4.80 -4.01
CA LEU A 248 20.00 4.98 -3.63
C LEU A 248 20.75 5.52 -4.84
N ARG A 249 21.35 6.71 -4.73
CA ARG A 249 22.02 7.32 -5.87
C ARG A 249 23.20 6.45 -6.32
N TRP A 250 23.23 6.15 -7.61
CA TRP A 250 24.27 5.32 -8.22
C TRP A 250 25.48 6.16 -8.61
N ARG A 251 26.67 5.77 -8.16
CA ARG A 251 26.86 4.65 -7.26
C ARG A 251 28.10 4.79 -6.41
N ILE B 1 -30.42 5.76 -0.36
CA ILE B 1 -29.14 5.43 -1.04
C ILE B 1 -28.14 6.57 -0.81
N GLU B 2 -26.96 6.24 -0.30
CA GLU B 2 -25.91 7.23 -0.06
C GLU B 2 -25.10 7.49 -1.33
N THR B 3 -24.40 8.62 -1.35
CA THR B 3 -23.51 8.97 -2.46
C THR B 3 -22.11 9.25 -1.94
N VAL B 4 -21.12 8.60 -2.56
CA VAL B 4 -19.70 8.85 -2.30
C VAL B 4 -19.16 9.56 -3.53
N GLU B 5 -18.43 10.65 -3.33
CA GLU B 5 -17.91 11.43 -4.45
C GLU B 5 -16.40 11.32 -4.61
N PHE B 6 -15.95 11.38 -5.85
CA PHE B 6 -14.53 11.44 -6.18
C PHE B 6 -14.33 12.36 -7.37
N ARG B 7 -13.36 13.26 -7.26
N ARG B 7 -13.36 13.27 -7.25
CA ARG B 7 -13.01 14.18 -8.33
CA ARG B 7 -13.00 14.18 -8.34
C ARG B 7 -11.56 13.97 -8.75
C ARG B 7 -11.56 13.93 -8.74
N VAL B 8 -11.32 13.77 -10.05
CA VAL B 8 -9.94 13.57 -10.51
C VAL B 8 -9.05 14.80 -10.26
N THR B 9 -9.63 15.99 -10.38
CA THR B 9 -8.87 17.23 -10.22
C THR B 9 -8.23 17.27 -8.83
N GLY B 10 -6.91 17.44 -8.80
CA GLY B 10 -6.17 17.57 -7.56
C GLY B 10 -5.90 16.27 -6.83
N THR B 11 -6.15 15.13 -7.48
CA THR B 11 -5.96 13.83 -6.85
C THR B 11 -4.54 13.62 -6.34
N THR B 12 -4.47 13.19 -5.07
CA THR B 12 -3.23 12.80 -4.43
C THR B 12 -3.36 11.35 -4.00
N ARG B 13 -2.25 10.76 -3.56
CA ARG B 13 -2.30 9.43 -2.98
C ARG B 13 -3.33 9.38 -1.85
N ARG B 14 -3.25 10.40 -0.98
N ARG B 14 -3.27 10.38 -0.97
CA ARG B 14 -4.11 10.55 0.19
CA ARG B 14 -4.15 10.43 0.18
C ARG B 14 -5.58 10.68 -0.19
C ARG B 14 -5.61 10.66 -0.20
N SER B 15 -5.87 11.51 -1.19
CA SER B 15 -7.27 11.75 -1.56
C SER B 15 -7.90 10.51 -2.20
N TYR B 16 -7.13 9.77 -2.99
CA TYR B 16 -7.63 8.53 -3.57
C TYR B 16 -7.87 7.48 -2.49
N SER B 17 -6.91 7.31 -1.59
CA SER B 17 -7.09 6.39 -0.47
C SER B 17 -8.25 6.79 0.45
N ASP B 18 -8.42 8.08 0.69
CA ASP B 18 -9.54 8.55 1.52
C ASP B 18 -10.88 8.23 0.86
N PHE B 19 -10.95 8.43 -0.45
CA PHE B 19 -12.12 8.06 -1.23
C PHE B 19 -12.45 6.58 -1.03
N LEU B 20 -11.46 5.71 -1.21
CA LEU B 20 -11.74 4.28 -1.09
C LEU B 20 -12.14 3.89 0.33
N GLN B 21 -11.55 4.54 1.32
CA GLN B 21 -11.94 4.22 2.69
C GLN B 21 -13.37 4.63 3.00
N ASN B 22 -13.74 5.83 2.56
CA ASN B 22 -15.12 6.29 2.68
C ASN B 22 -16.07 5.33 1.97
N LEU B 23 -15.68 4.93 0.76
CA LEU B 23 -16.46 3.96 0.00
C LEU B 23 -16.63 2.63 0.75
N ARG B 24 -15.53 2.09 1.29
CA ARG B 24 -15.61 0.85 2.07
C ARG B 24 -16.53 1.00 3.28
N ASN B 25 -16.42 2.14 3.96
CA ASN B 25 -17.26 2.40 5.14
C ASN B 25 -18.74 2.37 4.79
N ARG B 26 -19.08 2.95 3.65
CA ARG B 26 -20.49 3.04 3.28
C ARG B 26 -21.01 1.77 2.60
N LEU B 27 -20.12 1.02 1.93
CA LEU B 27 -20.48 -0.29 1.41
C LEU B 27 -20.75 -1.31 2.51
N SER B 28 -19.88 -1.29 3.54
N SER B 28 -19.89 -1.35 3.52
CA SER B 28 -19.86 -2.24 4.65
CA SER B 28 -19.93 -2.43 4.49
C SER B 28 -21.14 -2.30 5.49
C SER B 28 -21.10 -2.32 5.47
N SER B 29 -21.38 -3.46 6.09
CA SER B 29 -22.48 -3.62 7.05
C SER B 29 -22.16 -2.97 8.41
N GLY B 30 -20.92 -2.58 8.63
CA GLY B 30 -20.53 -2.06 9.95
C GLY B 30 -20.07 -3.13 10.93
N THR B 31 -20.15 -4.39 10.51
CA THR B 31 -19.53 -5.48 11.27
C THR B 31 -18.32 -5.99 10.50
N SER B 32 -17.34 -6.53 11.23
N SER B 32 -17.36 -6.55 11.22
CA SER B 32 -16.08 -7.02 10.66
CA SER B 32 -16.18 -7.10 10.59
C SER B 32 -15.79 -8.45 11.11
C SER B 32 -16.01 -8.56 10.99
N VAL B 33 -15.15 -9.24 10.25
CA VAL B 33 -14.76 -10.62 10.55
C VAL B 33 -13.25 -10.63 10.34
N HIS B 34 -12.51 -11.06 11.36
CA HIS B 34 -11.06 -11.04 11.32
C HIS B 34 -10.50 -9.70 10.87
N ASP B 35 -11.15 -8.64 11.36
CA ASP B 35 -10.71 -7.27 11.13
C ASP B 35 -10.90 -6.77 9.70
N ILE B 36 -11.72 -7.48 8.92
CA ILE B 36 -12.06 -7.07 7.57
C ILE B 36 -13.58 -6.81 7.53
N PRO B 37 -14.00 -5.64 7.00
CA PRO B 37 -15.42 -5.34 6.90
C PRO B 37 -16.23 -6.40 6.14
N LEU B 38 -17.39 -6.73 6.69
CA LEU B 38 -18.31 -7.69 6.08
C LEU B 38 -19.38 -6.92 5.33
N LEU B 39 -19.56 -7.25 4.06
CA LEU B 39 -20.60 -6.62 3.27
C LEU B 39 -21.98 -7.10 3.73
N PRO B 40 -23.03 -6.32 3.45
CA PRO B 40 -24.39 -6.72 3.87
C PRO B 40 -24.85 -8.02 3.25
N ALA B 41 -25.73 -8.72 3.96
CA ALA B 41 -26.41 -9.87 3.41
C ALA B 41 -27.45 -9.38 2.40
N GLN B 42 -27.60 -10.12 1.32
CA GLN B 42 -28.75 -9.92 0.44
C GLN B 42 -30.01 -10.37 1.19
N SER B 43 -30.98 -9.47 1.29
CA SER B 43 -32.22 -9.74 2.03
C SER B 43 -33.39 -9.83 1.06
N GLY B 44 -33.93 -11.03 0.90
CA GLY B 44 -34.99 -11.28 -0.06
C GLY B 44 -34.61 -10.76 -1.43
N SER B 45 -35.47 -9.92 -2.01
CA SER B 45 -35.21 -9.32 -3.31
C SER B 45 -34.87 -7.83 -3.20
N GLN B 46 -34.66 -7.37 -1.97
CA GLN B 46 -34.38 -5.96 -1.72
C GLN B 46 -33.05 -5.56 -2.34
N GLN B 47 -33.06 -4.42 -3.02
CA GLN B 47 -31.85 -3.91 -3.65
C GLN B 47 -31.19 -2.91 -2.73
N ASP B 48 -29.95 -3.21 -2.36
CA ASP B 48 -29.20 -2.44 -1.37
C ASP B 48 -28.07 -1.77 -2.13
N LEU B 49 -28.33 -0.57 -2.61
CA LEU B 49 -27.46 0.10 -3.58
C LEU B 49 -26.68 1.27 -2.97
N LEU B 50 -25.67 1.73 -3.70
N LEU B 50 -25.65 1.72 -3.69
CA LEU B 50 -24.85 2.86 -3.29
CA LEU B 50 -24.83 2.85 -3.30
C LEU B 50 -24.39 3.60 -4.54
C LEU B 50 -24.47 3.60 -4.57
N PHE B 51 -24.45 4.92 -4.52
CA PHE B 51 -24.00 5.75 -5.64
C PHE B 51 -22.57 6.21 -5.46
N VAL B 52 -21.79 6.16 -6.54
CA VAL B 52 -20.45 6.72 -6.56
C VAL B 52 -20.38 7.74 -7.67
N ARG B 53 -20.34 9.01 -7.31
CA ARG B 53 -20.32 10.08 -8.31
C ARG B 53 -18.87 10.49 -8.60
N LEU B 54 -18.48 10.41 -9.86
CA LEU B 54 -17.13 10.66 -10.31
C LEU B 54 -17.09 11.82 -11.27
N PHE B 55 -16.13 12.73 -11.08
CA PHE B 55 -16.00 13.91 -11.93
C PHE B 55 -14.70 13.86 -12.73
N ASP B 56 -14.77 14.17 -14.03
CA ASP B 56 -13.60 14.16 -14.90
C ASP B 56 -12.82 15.48 -14.80
N TRP B 57 -11.82 15.67 -15.65
CA TRP B 57 -10.97 16.87 -15.56
C TRP B 57 -11.76 18.16 -15.79
N GLY B 58 -12.84 18.06 -16.59
CA GLY B 58 -13.71 19.20 -16.88
C GLY B 58 -14.88 19.36 -15.93
N ASN B 59 -14.82 18.67 -14.79
CA ASN B 59 -15.89 18.71 -13.77
C ASN B 59 -17.22 18.13 -14.26
N ARG B 60 -17.16 17.21 -15.23
CA ARG B 60 -18.35 16.53 -15.72
C ARG B 60 -18.53 15.21 -14.98
N PRO B 61 -19.73 14.99 -14.40
CA PRO B 61 -19.93 13.79 -13.60
C PRO B 61 -20.63 12.63 -14.29
N ILE B 62 -20.33 11.42 -13.83
N ILE B 62 -20.32 11.41 -13.84
CA ILE B 62 -21.22 10.30 -14.01
CA ILE B 62 -21.19 10.25 -14.05
C ILE B 62 -21.45 9.73 -12.62
C ILE B 62 -21.30 9.51 -12.71
N THR B 63 -22.46 8.88 -12.48
CA THR B 63 -22.71 8.22 -11.21
C THR B 63 -22.77 6.72 -11.41
N LEU B 64 -21.81 6.00 -10.82
CA LEU B 64 -21.88 4.55 -10.79
C LEU B 64 -22.88 4.09 -9.74
N VAL B 65 -23.56 3.00 -10.04
CA VAL B 65 -24.44 2.37 -9.07
C VAL B 65 -23.78 1.05 -8.67
N LEU B 66 -23.52 0.90 -7.38
CA LEU B 66 -22.94 -0.32 -6.84
C LEU B 66 -23.96 -1.06 -6.02
N ASN B 67 -23.88 -2.38 -6.10
CA ASN B 67 -24.59 -3.27 -5.19
C ASN B 67 -23.73 -3.41 -3.94
N ARG B 68 -24.26 -3.01 -2.79
CA ARG B 68 -23.48 -3.09 -1.55
C ARG B 68 -23.16 -4.52 -1.16
N VAL B 69 -23.98 -5.47 -1.60
CA VAL B 69 -23.77 -6.87 -1.27
C VAL B 69 -22.44 -7.38 -1.82
N ASN B 70 -22.05 -6.95 -3.03
CA ASN B 70 -20.79 -7.39 -3.61
C ASN B 70 -19.83 -6.29 -4.01
N ALA B 71 -20.17 -5.04 -3.70
CA ALA B 71 -19.34 -3.88 -4.03
C ALA B 71 -19.10 -3.68 -5.53
N TYR B 72 -19.94 -4.28 -6.36
CA TYR B 72 -19.73 -4.27 -7.81
C TYR B 72 -20.68 -3.34 -8.54
N VAL B 73 -20.21 -2.83 -9.68
CA VAL B 73 -21.00 -1.92 -10.52
C VAL B 73 -22.14 -2.66 -11.20
N VAL B 74 -23.34 -2.11 -11.12
CA VAL B 74 -24.51 -2.69 -11.79
C VAL B 74 -25.12 -1.74 -12.84
N ALA B 75 -24.78 -0.46 -12.78
CA ALA B 75 -25.38 0.53 -13.66
C ALA B 75 -24.58 1.81 -13.55
N TYR B 76 -24.85 2.76 -14.43
CA TYR B 76 -24.34 4.11 -14.27
C TYR B 76 -25.32 5.12 -14.84
N GLN B 77 -25.23 6.35 -14.34
CA GLN B 77 -26.04 7.46 -14.84
C GLN B 77 -25.12 8.44 -15.54
N ALA B 78 -25.54 8.87 -16.73
CA ALA B 78 -24.82 9.90 -17.48
C ALA B 78 -25.87 10.80 -18.10
N GLN B 79 -25.74 12.10 -17.86
CA GLN B 79 -26.66 13.11 -18.42
C GLN B 79 -28.13 12.74 -18.25
N ASN B 80 -28.51 12.39 -17.02
CA ASN B 80 -29.91 12.15 -16.64
C ASN B 80 -30.58 10.94 -17.32
N ARG B 81 -29.77 9.95 -17.69
CA ARG B 81 -30.28 8.64 -18.09
C ARG B 81 -29.42 7.59 -17.42
N PHE B 82 -30.07 6.53 -16.94
CA PHE B 82 -29.37 5.37 -16.40
C PHE B 82 -29.15 4.32 -17.49
N TYR B 83 -28.01 3.66 -17.38
CA TYR B 83 -27.56 2.60 -18.28
C TYR B 83 -27.29 1.39 -17.42
N LEU B 84 -27.96 0.28 -17.72
CA LEU B 84 -27.90 -0.92 -16.89
C LEU B 84 -27.15 -2.03 -17.59
N LEU B 85 -26.31 -2.74 -16.85
CA LEU B 85 -25.79 -3.99 -17.37
C LEU B 85 -26.95 -4.96 -17.62
N SER B 86 -26.75 -5.92 -18.50
CA SER B 86 -27.87 -6.71 -18.99
C SER B 86 -28.53 -7.56 -17.91
N ASP B 87 -27.76 -7.95 -16.91
CA ASP B 87 -28.26 -8.82 -15.85
C ASP B 87 -28.67 -8.04 -14.58
N THR B 88 -28.65 -6.72 -14.65
CA THR B 88 -29.03 -5.91 -13.50
C THR B 88 -30.54 -5.96 -13.27
N PRO B 89 -30.98 -6.33 -12.06
CA PRO B 89 -32.42 -6.33 -11.77
C PRO B 89 -33.04 -4.96 -11.99
N ALA B 90 -34.22 -4.93 -12.58
CA ALA B 90 -34.94 -3.69 -12.82
C ALA B 90 -35.22 -2.97 -11.50
N ASN B 91 -35.26 -1.65 -11.58
CA ASN B 91 -35.58 -0.79 -10.44
C ASN B 91 -36.03 0.57 -10.96
N PRO B 92 -37.27 0.63 -11.46
CA PRO B 92 -37.75 1.91 -12.01
C PRO B 92 -37.72 3.06 -11.01
N GLN B 93 -37.86 2.73 -9.72
CA GLN B 93 -37.81 3.74 -8.69
C GLN B 93 -36.48 4.51 -8.70
N VAL B 94 -35.39 3.79 -8.95
CA VAL B 94 -34.06 4.39 -8.96
C VAL B 94 -33.62 4.78 -10.38
N TYR B 95 -33.88 3.92 -11.35
CA TYR B 95 -33.32 4.07 -12.70
C TYR B 95 -34.20 4.85 -13.68
N GLY B 96 -35.42 5.18 -13.24
CA GLY B 96 -36.40 5.82 -14.12
C GLY B 96 -37.22 4.79 -14.87
N ASN B 97 -38.22 5.26 -15.62
CA ASN B 97 -39.13 4.36 -16.31
C ASN B 97 -38.52 3.66 -17.52
N ASN B 98 -37.56 4.32 -18.17
CA ASN B 98 -36.94 3.78 -19.39
C ASN B 98 -35.42 3.96 -19.46
N PRO B 99 -34.70 3.31 -18.52
CA PRO B 99 -33.25 3.29 -18.62
C PRO B 99 -32.83 2.47 -19.83
N HIS B 100 -31.60 2.68 -20.29
CA HIS B 100 -31.08 1.94 -21.41
C HIS B 100 -30.38 0.67 -20.92
N ARG B 101 -30.83 -0.49 -21.43
CA ARG B 101 -30.17 -1.76 -21.13
C ARG B 101 -29.04 -2.00 -22.10
N LEU B 102 -27.83 -2.13 -21.57
CA LEU B 102 -26.69 -2.56 -22.34
C LEU B 102 -26.83 -4.05 -22.67
N THR B 103 -26.14 -4.50 -23.72
CA THR B 103 -26.31 -5.87 -24.21
C THR B 103 -25.39 -6.87 -23.49
N PHE B 104 -24.61 -6.38 -22.53
CA PHE B 104 -23.57 -7.19 -21.89
C PHE B 104 -23.67 -7.14 -20.38
N THR B 105 -23.16 -8.18 -19.75
CA THR B 105 -23.05 -8.24 -18.31
C THR B 105 -21.76 -7.56 -17.88
N GLY B 106 -21.56 -7.45 -16.57
CA GLY B 106 -20.34 -6.89 -16.00
C GLY B 106 -19.22 -7.87 -15.74
N SER B 107 -19.32 -9.11 -16.21
CA SER B 107 -18.16 -10.01 -16.09
C SER B 107 -17.02 -9.49 -16.97
N TYR B 108 -15.77 -9.74 -16.56
CA TYR B 108 -14.66 -9.32 -17.41
C TYR B 108 -14.67 -10.03 -18.75
N GLY B 109 -15.09 -11.28 -18.77
CA GLY B 109 -15.20 -12.02 -20.03
C GLY B 109 -16.08 -11.27 -21.02
N ALA B 110 -17.25 -10.83 -20.55
CA ALA B 110 -18.18 -10.08 -21.40
C ALA B 110 -17.65 -8.69 -21.74
N LEU B 111 -17.16 -7.96 -20.74
CA LEU B 111 -16.67 -6.61 -20.97
C LEU B 111 -15.52 -6.59 -21.98
N GLN B 112 -14.58 -7.52 -21.82
CA GLN B 112 -13.42 -7.63 -22.70
C GLN B 112 -13.83 -7.97 -24.13
N ASN B 113 -14.82 -8.86 -24.28
CA ASN B 113 -15.34 -9.20 -25.60
C ASN B 113 -15.94 -7.98 -26.30
N VAL B 114 -16.77 -7.22 -25.57
CA VAL B 114 -17.40 -6.02 -26.14
C VAL B 114 -16.35 -4.93 -26.41
N ALA B 115 -15.39 -4.77 -25.49
CA ALA B 115 -14.31 -3.78 -25.67
C ALA B 115 -13.30 -4.18 -26.73
N LYS B 116 -13.34 -5.47 -27.12
CA LYS B 116 -12.40 -6.07 -28.09
C LYS B 116 -10.96 -6.00 -27.59
N SER B 117 -10.81 -5.97 -26.27
N SER B 117 -10.80 -5.99 -26.28
CA SER B 117 -9.52 -5.76 -25.63
CA SER B 117 -9.49 -5.82 -25.66
C SER B 117 -9.52 -6.48 -24.29
C SER B 117 -9.52 -6.47 -24.30
N ASN B 118 -8.45 -7.23 -24.01
CA ASN B 118 -8.27 -7.83 -22.71
C ASN B 118 -7.79 -6.76 -21.72
N ARG B 119 -8.17 -6.88 -20.45
CA ARG B 119 -7.77 -5.85 -19.49
C ARG B 119 -6.26 -5.83 -19.19
N GLU B 120 -5.55 -6.90 -19.54
CA GLU B 120 -4.08 -6.88 -19.51
C GLU B 120 -3.51 -5.80 -20.43
N ASN B 121 -4.30 -5.33 -21.38
CA ASN B 121 -3.84 -4.34 -22.35
C ASN B 121 -4.50 -2.98 -22.21
N ILE B 122 -5.11 -2.73 -21.04
CA ILE B 122 -5.82 -1.49 -20.78
C ILE B 122 -5.15 -0.73 -19.62
N ASP B 123 -4.63 0.46 -19.92
CA ASP B 123 -3.97 1.30 -18.90
C ASP B 123 -4.93 1.66 -17.77
N LEU B 124 -4.40 1.57 -16.55
CA LEU B 124 -5.11 2.01 -15.35
C LEU B 124 -4.31 3.11 -14.66
N GLY B 125 -4.99 4.17 -14.29
CA GLY B 125 -4.38 5.31 -13.61
C GLY B 125 -5.42 6.41 -13.57
N ILE B 126 -5.03 7.59 -13.08
CA ILE B 126 -5.99 8.68 -12.96
C ILE B 126 -6.37 9.25 -14.33
N ASN B 127 -5.44 9.31 -15.27
CA ASN B 127 -5.80 9.75 -16.62
C ASN B 127 -6.79 8.80 -17.31
N PRO B 128 -6.53 7.48 -17.28
CA PRO B 128 -7.57 6.56 -17.78
C PRO B 128 -8.90 6.68 -17.05
N LEU B 129 -8.86 6.92 -15.74
N LEU B 129 -8.86 6.92 -15.74
CA LEU B 129 -10.09 7.08 -14.97
CA LEU B 129 -10.07 7.09 -14.95
C LEU B 129 -10.88 8.28 -15.50
C LEU B 129 -10.88 8.28 -15.47
N ALA B 130 -10.22 9.42 -15.66
CA ALA B 130 -10.85 10.62 -16.20
C ALA B 130 -11.42 10.39 -17.60
N THR B 131 -10.63 9.73 -18.46
CA THR B 131 -11.08 9.42 -19.81
C THR B 131 -12.33 8.52 -19.81
N ALA B 132 -12.34 7.54 -18.90
CA ALA B 132 -13.48 6.65 -18.78
C ALA B 132 -14.73 7.42 -18.35
N ILE B 133 -14.60 8.35 -17.39
CA ILE B 133 -15.72 9.19 -16.98
C ILE B 133 -16.23 10.02 -18.16
N THR B 134 -15.32 10.66 -18.87
CA THR B 134 -15.69 11.50 -20.01
C THR B 134 -16.39 10.69 -21.09
N THR B 135 -15.87 9.49 -21.35
CA THR B 135 -16.43 8.63 -22.38
C THR B 135 -17.86 8.22 -22.03
N LEU B 136 -18.07 7.79 -20.78
CA LEU B 136 -19.43 7.45 -20.36
C LEU B 136 -20.34 8.68 -20.32
N HIS B 137 -19.78 9.82 -19.92
CA HIS B 137 -20.58 11.04 -19.88
C HIS B 137 -21.19 11.36 -21.25
N ASN B 138 -20.41 11.12 -22.29
CA ASN B 138 -20.78 11.54 -23.63
C ASN B 138 -21.42 10.47 -24.53
N TRP B 139 -21.29 9.20 -24.17
CA TRP B 139 -21.84 8.13 -24.99
C TRP B 139 -23.35 8.09 -24.94
N SER B 140 -23.96 7.87 -26.11
CA SER B 140 -25.39 7.60 -26.17
C SER B 140 -25.70 6.64 -27.30
N PRO B 141 -26.74 5.82 -27.12
CA PRO B 141 -27.28 5.04 -28.23
C PRO B 141 -27.65 5.98 -29.38
N PRO B 142 -27.59 5.50 -30.64
CA PRO B 142 -27.32 4.15 -31.08
C PRO B 142 -25.85 3.77 -31.35
N THR B 143 -24.89 4.54 -30.84
CA THR B 143 -23.47 4.25 -31.00
C THR B 143 -23.16 2.83 -30.52
N VAL B 144 -22.26 2.14 -31.22
CA VAL B 144 -21.73 0.85 -30.76
C VAL B 144 -21.23 0.93 -29.31
N GLU B 145 -21.30 -0.18 -28.58
CA GLU B 145 -21.02 -0.17 -27.14
C GLU B 145 -19.56 -0.33 -26.75
N THR B 146 -18.68 -0.50 -27.75
CA THR B 146 -17.28 -0.81 -27.51
C THR B 146 -16.63 0.04 -26.41
N SER B 147 -16.77 1.35 -26.55
CA SER B 147 -16.12 2.27 -25.62
C SER B 147 -16.76 2.30 -24.23
N VAL B 148 -18.03 1.89 -24.14
CA VAL B 148 -18.72 1.78 -22.85
C VAL B 148 -18.10 0.62 -22.05
N ALA B 149 -17.99 -0.54 -22.69
CA ALA B 149 -17.38 -1.67 -22.04
C ALA B 149 -15.94 -1.38 -21.65
N ARG B 150 -15.19 -0.73 -22.53
CA ARG B 150 -13.80 -0.40 -22.23
C ARG B 150 -13.73 0.51 -21.00
N SER B 151 -14.59 1.51 -20.96
CA SER B 151 -14.59 2.49 -19.87
C SER B 151 -14.99 1.83 -18.55
N LEU B 152 -15.94 0.90 -18.62
CA LEU B 152 -16.33 0.17 -17.42
C LEU B 152 -15.24 -0.76 -16.91
N ILE B 153 -14.43 -1.31 -17.80
CA ILE B 153 -13.27 -2.10 -17.34
C ILE B 153 -12.36 -1.24 -16.46
N VAL B 154 -12.10 -0.02 -16.90
CA VAL B 154 -11.27 0.91 -16.14
C VAL B 154 -11.92 1.26 -14.81
N LEU B 155 -13.19 1.68 -14.87
N LEU B 155 -13.18 1.68 -14.85
CA LEU B 155 -13.93 2.15 -13.71
CA LEU B 155 -13.84 2.18 -13.63
C LEU B 155 -14.10 1.08 -12.64
C LEU B 155 -14.13 1.07 -12.62
N ILE B 156 -14.52 -0.11 -13.08
CA ILE B 156 -14.74 -1.23 -12.18
C ILE B 156 -13.45 -1.57 -11.42
N GLN B 157 -12.33 -1.59 -12.13
CA GLN B 157 -11.07 -1.91 -11.46
C GLN B 157 -10.60 -0.83 -10.51
N LEU B 158 -10.85 0.44 -10.85
CA LEU B 158 -10.37 1.55 -10.02
C LEU B 158 -11.33 1.97 -8.90
N VAL B 159 -12.52 1.37 -8.88
CA VAL B 159 -13.50 1.62 -7.82
C VAL B 159 -13.80 0.32 -7.07
N SER B 160 -14.38 -0.66 -7.75
CA SER B 160 -14.76 -1.91 -7.07
C SER B 160 -13.56 -2.77 -6.66
N GLU B 161 -12.60 -2.98 -7.57
CA GLU B 161 -11.51 -3.91 -7.27
C GLU B 161 -10.56 -3.34 -6.23
N THR B 162 -10.30 -2.04 -6.30
CA THR B 162 -9.46 -1.40 -5.30
C THR B 162 -10.19 -1.30 -3.95
N ALA B 163 -11.52 -1.15 -3.96
CA ALA B 163 -12.26 -1.22 -2.69
C ALA B 163 -12.10 -2.62 -2.06
N ARG B 164 -12.17 -3.65 -2.90
CA ARG B 164 -12.05 -5.03 -2.42
C ARG B 164 -10.65 -5.40 -1.95
N PHE B 165 -9.62 -4.85 -2.61
CA PHE B 165 -8.23 -5.26 -2.37
C PHE B 165 -7.30 -4.08 -2.25
N ARG B 166 -6.77 -3.88 -1.05
N ARG B 166 -6.77 -3.88 -1.05
CA ARG B 166 -5.77 -2.83 -0.84
CA ARG B 166 -5.77 -2.83 -0.85
C ARG B 166 -4.49 -3.07 -1.64
C ARG B 166 -4.51 -3.07 -1.67
N ALA B 167 -4.23 -4.33 -2.03
CA ALA B 167 -3.08 -4.63 -2.89
C ALA B 167 -3.23 -3.98 -4.27
N ILE B 168 -4.47 -3.89 -4.77
CA ILE B 168 -4.72 -3.23 -6.05
C ILE B 168 -4.69 -1.71 -5.85
N GLU B 169 -5.31 -1.23 -4.76
CA GLU B 169 -5.20 0.18 -4.40
C GLU B 169 -3.75 0.66 -4.39
N GLN B 170 -2.86 -0.15 -3.83
CA GLN B 170 -1.45 0.23 -3.73
C GLN B 170 -0.82 0.46 -5.09
N ARG B 171 -1.19 -0.34 -6.08
CA ARG B 171 -0.66 -0.15 -7.43
C ARG B 171 -1.05 1.21 -7.99
N VAL B 172 -2.27 1.65 -7.67
CA VAL B 172 -2.75 2.97 -8.06
C VAL B 172 -1.98 4.08 -7.32
N THR B 173 -1.90 3.93 -6.01
N THR B 173 -1.88 4.00 -6.01
CA THR B 173 -1.21 4.90 -5.15
CA THR B 173 -1.22 5.09 -5.30
C THR B 173 0.25 5.08 -5.54
C THR B 173 0.29 5.12 -5.58
N ASN B 174 0.89 3.99 -5.93
CA ASN B 174 2.29 3.98 -6.40
C ASN B 174 2.50 4.77 -7.69
N ASN B 175 1.40 5.11 -8.35
CA ASN B 175 1.48 5.83 -9.60
C ASN B 175 0.83 7.21 -9.59
N ILE B 176 0.43 7.67 -8.40
CA ILE B 176 0.00 9.05 -8.20
C ILE B 176 1.23 9.78 -7.67
N ILE B 177 1.92 10.48 -8.56
CA ILE B 177 3.24 11.03 -8.25
C ILE B 177 3.04 12.42 -7.64
N ASP B 178 2.65 12.45 -6.37
CA ASP B 178 2.23 13.71 -5.76
C ASP B 178 3.33 14.38 -4.95
N GLN B 179 4.54 13.82 -4.98
CA GLN B 179 5.69 14.44 -4.32
C GLN B 179 6.28 15.56 -5.18
N VAL B 180 5.77 15.69 -6.40
CA VAL B 180 6.16 16.76 -7.32
C VAL B 180 4.92 17.62 -7.60
N THR B 181 5.17 18.84 -8.10
CA THR B 181 4.10 19.78 -8.43
C THR B 181 4.44 20.43 -9.78
N PRO B 182 3.53 20.32 -10.77
CA PRO B 182 2.22 19.65 -10.70
C PRO B 182 2.33 18.16 -10.45
N ILE B 183 1.31 17.60 -9.81
CA ILE B 183 1.23 16.17 -9.60
C ILE B 183 1.26 15.47 -10.96
N ARG B 184 1.98 14.35 -11.04
CA ARG B 184 2.02 13.55 -12.26
C ARG B 184 1.27 12.23 -12.02
N TYR B 185 0.69 11.69 -13.08
CA TYR B 185 -0.14 10.49 -12.99
C TYR B 185 0.37 9.47 -13.98
N ASP B 186 0.89 8.36 -13.47
CA ASP B 186 1.40 7.30 -14.33
C ASP B 186 0.41 6.15 -14.41
N ASN B 187 0.63 5.27 -15.38
CA ASN B 187 -0.26 4.14 -15.63
C ASN B 187 0.42 2.80 -15.40
N PHE B 188 -0.41 1.80 -15.10
CA PHE B 188 0.05 0.42 -15.11
C PHE B 188 -1.03 -0.41 -15.77
N ARG B 189 -0.68 -1.64 -16.11
CA ARG B 189 -1.66 -2.60 -16.60
C ARG B 189 -1.65 -3.81 -15.68
N PRO B 190 -2.82 -4.36 -15.36
CA PRO B 190 -2.85 -5.57 -14.52
C PRO B 190 -2.28 -6.74 -15.30
N ARG B 191 -1.57 -7.62 -14.55
N ARG B 191 -1.56 -7.62 -14.54
CA ARG B 191 -1.01 -8.81 -15.18
CA ARG B 191 -1.01 -8.81 -15.18
C ARG B 191 -1.61 -10.04 -14.53
C ARG B 191 -1.60 -10.04 -14.51
N VAL B 192 -0.88 -11.17 -14.62
CA VAL B 192 -1.35 -12.45 -14.12
C VAL B 192 -1.74 -12.42 -12.63
N GLY B 193 -0.93 -11.76 -11.81
CA GLY B 193 -1.16 -11.68 -10.37
C GLY B 193 -2.44 -10.96 -9.99
N ILE B 194 -2.58 -9.73 -10.48
N ILE B 194 -2.57 -9.73 -10.49
CA ILE B 194 -3.76 -8.92 -10.18
CA ILE B 194 -3.74 -8.91 -10.20
C ILE B 194 -5.03 -9.57 -10.72
C ILE B 194 -5.02 -9.54 -10.73
N ILE B 195 -4.96 -10.08 -11.95
CA ILE B 195 -6.12 -10.73 -12.56
C ILE B 195 -6.57 -11.95 -11.73
N ASP B 196 -5.61 -12.76 -11.28
CA ASP B 196 -5.98 -13.92 -10.48
C ASP B 196 -6.50 -13.53 -9.10
N LEU B 197 -5.97 -12.44 -8.55
CA LEU B 197 -6.48 -11.92 -7.30
C LEU B 197 -7.96 -11.54 -7.44
N GLN B 198 -8.26 -10.77 -8.49
CA GLN B 198 -9.65 -10.35 -8.76
C GLN B 198 -10.62 -11.53 -8.83
N THR B 199 -10.19 -12.59 -9.50
N THR B 199 -10.22 -12.61 -9.50
CA THR B 199 -11.02 -13.76 -9.71
CA THR B 199 -11.11 -13.76 -9.68
C THR B 199 -11.31 -14.51 -8.41
C THR B 199 -11.27 -14.61 -8.43
N ASN B 200 -10.40 -14.38 -7.44
CA ASN B 200 -10.48 -15.13 -6.19
C ASN B 200 -11.10 -14.40 -5.00
N TRP B 201 -11.79 -13.29 -5.26
CA TRP B 201 -12.38 -12.52 -4.18
C TRP B 201 -13.42 -13.26 -3.37
N GLN B 202 -14.35 -13.94 -4.04
CA GLN B 202 -15.34 -14.74 -3.34
C GLN B 202 -14.69 -15.86 -2.54
N THR B 203 -13.78 -16.59 -3.19
N THR B 203 -13.77 -16.61 -3.16
CA THR B 203 -13.09 -17.71 -2.54
CA THR B 203 -13.14 -17.72 -2.45
C THR B 203 -12.38 -17.25 -1.27
C THR B 203 -12.37 -17.25 -1.23
N LEU B 204 -11.61 -16.17 -1.37
CA LEU B 204 -10.90 -15.59 -0.22
C LEU B 204 -11.89 -15.14 0.86
N SER B 205 -12.97 -14.46 0.44
CA SER B 205 -13.98 -13.97 1.39
C SER B 205 -14.59 -15.12 2.19
N THR B 206 -14.98 -16.17 1.48
CA THR B 206 -15.57 -17.35 2.11
C THR B 206 -14.58 -18.01 3.07
N GLU B 207 -13.34 -18.17 2.63
CA GLU B 207 -12.33 -18.82 3.48
C GLU B 207 -12.09 -18.04 4.77
N VAL B 208 -12.08 -16.70 4.69
CA VAL B 208 -11.95 -15.89 5.89
C VAL B 208 -13.09 -16.16 6.88
N GLN B 209 -14.31 -16.27 6.37
CA GLN B 209 -15.47 -16.48 7.24
C GLN B 209 -15.57 -17.90 7.79
N ARG B 210 -15.07 -18.87 7.02
CA ARG B 210 -15.08 -20.28 7.43
C ARG B 210 -13.85 -20.66 8.26
N ALA B 211 -12.87 -19.78 8.32
CA ALA B 211 -11.59 -20.10 8.97
C ALA B 211 -11.77 -20.54 10.42
N GLU B 212 -10.94 -21.49 10.83
CA GLU B 212 -10.93 -21.98 12.21
C GLU B 212 -9.56 -21.67 12.78
N GLY B 213 -9.52 -20.97 13.90
CA GLY B 213 -8.26 -20.48 14.43
C GLY B 213 -7.53 -19.57 13.45
N GLY B 214 -8.29 -18.90 12.57
CA GLY B 214 -7.71 -18.03 11.54
C GLY B 214 -7.16 -18.77 10.35
N ARG B 215 -7.23 -20.11 10.36
CA ARG B 215 -6.65 -20.93 9.30
C ARG B 215 -7.72 -21.37 8.31
N PHE B 216 -7.38 -21.33 7.02
CA PHE B 216 -8.32 -21.68 5.97
C PHE B 216 -8.54 -23.19 5.88
N LEU B 217 -9.79 -23.59 5.82
CA LEU B 217 -10.13 -25.00 5.58
C LEU B 217 -9.70 -25.43 4.18
N GLN B 218 -9.81 -24.53 3.20
CA GLN B 218 -9.32 -24.76 1.85
C GLN B 218 -8.40 -23.62 1.41
N PRO B 219 -7.09 -23.78 1.63
CA PRO B 219 -6.11 -22.78 1.21
C PRO B 219 -6.28 -22.39 -0.26
N VAL B 220 -6.05 -21.12 -0.54
CA VAL B 220 -6.31 -20.53 -1.85
C VAL B 220 -5.00 -20.31 -2.62
N LYS B 221 -4.89 -20.95 -3.80
CA LYS B 221 -3.74 -20.75 -4.68
C LYS B 221 -3.93 -19.49 -5.51
N LEU B 222 -2.91 -18.64 -5.55
CA LEU B 222 -2.94 -17.42 -6.36
C LEU B 222 -1.75 -17.37 -7.28
N GLN B 223 -2.00 -17.11 -8.55
N GLN B 223 -2.00 -17.09 -8.55
CA GLN B 223 -0.93 -16.98 -9.54
CA GLN B 223 -0.94 -17.02 -9.57
C GLN B 223 -0.06 -15.76 -9.21
C GLN B 223 -0.08 -15.77 -9.33
N VAL B 224 1.24 -15.94 -9.28
CA VAL B 224 2.19 -14.82 -9.16
C VAL B 224 2.95 -14.61 -10.47
N SER B 225 3.00 -15.66 -11.29
CA SER B 225 3.56 -15.62 -12.62
C SER B 225 2.80 -16.64 -13.44
N VAL B 226 3.04 -16.70 -14.74
CA VAL B 226 2.42 -17.71 -15.57
C VAL B 226 2.76 -19.13 -15.07
N GLN B 227 3.96 -19.30 -14.53
CA GLN B 227 4.47 -20.61 -14.13
C GLN B 227 4.20 -21.01 -12.69
N GLN B 228 3.95 -20.04 -11.81
CA GLN B 228 3.94 -20.32 -10.38
C GLN B 228 2.81 -19.67 -9.60
N THR B 229 2.53 -20.30 -8.47
CA THR B 229 1.39 -19.99 -7.67
C THR B 229 1.88 -19.91 -6.22
N VAL B 230 1.36 -18.97 -5.44
CA VAL B 230 1.54 -18.99 -3.98
C VAL B 230 0.24 -19.41 -3.31
N VAL B 231 0.33 -19.82 -2.05
CA VAL B 231 -0.82 -20.32 -1.32
C VAL B 231 -1.15 -19.39 -0.17
N ILE B 232 -2.41 -18.98 -0.09
CA ILE B 232 -2.94 -18.19 1.02
C ILE B 232 -3.68 -19.15 1.95
N SER B 233 -3.16 -19.33 3.16
N SER B 233 -3.16 -19.35 3.16
CA SER B 233 -3.65 -20.38 4.05
CA SER B 233 -3.71 -20.39 4.04
C SER B 233 -4.29 -19.86 5.34
C SER B 233 -4.31 -19.87 5.33
N ASP B 234 -4.26 -18.55 5.56
CA ASP B 234 -4.78 -17.98 6.80
C ASP B 234 -5.23 -16.54 6.62
N VAL B 235 -5.98 -16.06 7.61
CA VAL B 235 -6.57 -14.74 7.55
C VAL B 235 -5.51 -13.64 7.59
N GLU B 236 -4.42 -13.87 8.32
CA GLU B 236 -3.34 -12.89 8.40
C GLU B 236 -2.76 -12.63 7.01
N LYS B 237 -2.49 -13.70 6.27
CA LYS B 237 -1.95 -13.59 4.93
C LYS B 237 -2.95 -12.90 3.99
N ALA B 238 -4.23 -13.23 4.11
CA ALA B 238 -5.26 -12.61 3.26
C ALA B 238 -5.32 -11.11 3.51
N ARG B 239 -5.26 -10.72 4.77
CA ARG B 239 -5.35 -9.33 5.14
C ARG B 239 -4.06 -8.58 4.78
N THR B 240 -2.92 -9.21 5.01
CA THR B 240 -1.61 -8.56 4.89
C THR B 240 -1.07 -8.57 3.46
N PHE B 241 -1.04 -9.74 2.84
CA PHE B 241 -0.50 -9.93 1.49
C PHE B 241 -1.49 -9.49 0.40
N CYS B 242 -2.71 -9.96 0.47
CA CYS B 242 -3.73 -9.62 -0.53
C CYS B 242 -4.36 -8.26 -0.29
N GLY B 243 -4.24 -7.76 0.94
CA GLY B 243 -4.96 -6.55 1.32
C GLY B 243 -6.47 -6.71 1.20
N LEU B 244 -6.97 -7.93 1.44
CA LEU B 244 -8.41 -8.19 1.37
C LEU B 244 -9.10 -7.23 2.31
N ALA B 245 -10.01 -6.41 1.75
CA ALA B 245 -10.49 -5.22 2.44
C ALA B 245 -11.99 -5.15 2.62
N LEU B 246 -12.70 -6.03 1.92
CA LEU B 246 -14.15 -6.21 2.06
C LEU B 246 -14.43 -7.69 1.87
N LEU B 247 -15.40 -8.21 2.60
CA LEU B 247 -15.78 -9.62 2.50
C LEU B 247 -17.16 -9.80 1.90
N LEU B 248 -17.24 -10.58 0.83
CA LEU B 248 -18.52 -11.04 0.33
C LEU B 248 -19.12 -11.98 1.37
N ARG B 249 -20.30 -11.63 1.89
CA ARG B 249 -20.88 -12.43 2.98
C ARG B 249 -21.21 -13.84 2.52
N TRP B 250 -20.80 -14.81 3.33
CA TRP B 250 -21.05 -16.22 3.09
C TRP B 250 -22.11 -16.72 4.05
S SO4 C . 20.50 17.74 -1.33
O1 SO4 C . 21.11 17.91 -0.07
O2 SO4 C . 21.01 16.75 -2.20
O3 SO4 C . 19.19 17.36 -1.17
O4 SO4 C . 20.55 19.07 -1.92
C1 GOL D . 13.16 18.83 -2.08
O1 GOL D . 13.68 20.09 -2.51
C2 GOL D . 13.78 18.21 -0.79
O2 GOL D . 15.19 17.99 -0.99
C3 GOL D . 13.61 19.01 0.53
O3 GOL D . 12.37 19.66 0.84
C1 GOL E . 31.23 5.36 26.89
C1 GOL E . 31.33 4.83 27.10
O1 GOL E . 30.12 4.72 26.30
O1 GOL E . 31.37 5.74 26.02
C2 GOL E . 30.86 5.62 28.34
C2 GOL E . 30.33 5.30 28.14
O2 GOL E . 32.06 5.69 29.09
O2 GOL E . 31.02 5.76 29.28
C3 GOL E . 29.98 4.48 28.81
C3 GOL E . 29.39 4.16 28.51
O3 GOL E . 28.77 4.96 29.34
O3 GOL E . 28.52 4.55 29.56
C1 GOL F . 34.75 7.28 19.47
C1 GOL F . 35.19 7.85 20.67
O1 GOL F . 34.07 7.99 18.46
O1 GOL F . 36.08 7.87 19.59
C2 GOL F . 33.78 6.33 20.15
C2 GOL F . 34.36 6.58 20.61
O2 GOL F . 34.35 5.04 20.19
O2 GOL F . 34.50 6.01 19.33
C3 GOL F . 33.50 6.81 21.56
C3 GOL F . 34.86 5.59 21.66
O3 GOL F . 33.25 5.70 22.39
O3 GOL F . 33.97 4.51 21.75
C1 GOL G . 6.83 -9.60 -2.48
O1 GOL G . 5.49 -10.01 -2.63
C2 GOL G . 6.94 -8.09 -2.33
O2 GOL G . 5.68 -7.51 -2.04
C3 GOL G . 7.47 -7.46 -3.62
O3 GOL G . 8.57 -8.19 -4.12
C1 GOL H . 24.18 -5.60 4.80
C1 GOL H . 23.58 -6.35 4.77
O1 GOL H . 24.39 -4.23 5.13
O1 GOL H . 23.82 -4.98 5.05
C2 GOL H . 22.70 -5.93 4.92
C2 GOL H . 22.22 -6.74 5.33
O2 GOL H . 22.07 -5.11 5.87
O2 GOL H . 21.66 -5.67 6.08
C3 GOL H . 22.52 -7.38 5.38
C3 GOL H . 22.37 -8.02 6.16
O3 GOL H . 21.25 -7.84 4.96
O3 GOL H . 23.71 -8.20 6.55
C1 GOL I . 28.32 -4.92 8.56
O1 GOL I . 29.14 -4.03 7.84
C2 GOL I . 29.01 -6.27 8.70
O2 GOL I . 28.03 -7.29 8.83
C3 GOL I . 29.93 -6.28 9.92
O3 GOL I . 29.19 -6.36 11.12
C1 GOL J . 28.59 20.39 9.00
C1 GOL J . 28.49 20.12 9.49
O1 GOL J . 27.88 21.42 9.67
O1 GOL J . 29.32 21.07 8.87
C2 GOL J . 29.40 19.57 9.99
C2 GOL J . 29.35 19.13 10.28
O2 GOL J . 28.78 19.60 11.26
O2 GOL J . 28.80 18.91 11.56
C3 GOL J . 29.51 18.14 9.50
C3 GOL J . 29.41 17.80 9.52
O3 GOL J . 28.52 17.34 10.11
O3 GOL J . 28.47 16.90 10.04
C1 GOL K . 22.34 0.57 4.70
C1 GOL K . 21.89 0.00 4.75
O1 GOL K . 21.42 0.49 3.63
O1 GOL K . 21.20 -0.12 3.52
C2 GOL K . 22.99 -0.79 4.92
C2 GOL K . 22.95 -1.09 4.83
O2 GOL K . 22.05 -1.81 4.66
O2 GOL K . 24.18 -0.57 4.37
C3 GOL K . 23.48 -0.90 6.35
C3 GOL K . 23.11 -1.53 6.28
O3 GOL K . 24.48 -1.90 6.42
O3 GOL K . 24.42 -2.03 6.48
C1 GOL L . -7.08 10.06 10.34
O1 GOL L . -8.32 10.20 11.00
C2 GOL L . -6.05 10.96 10.99
O2 GOL L . -5.21 10.20 11.81
C3 GOL L . -5.24 11.63 9.88
O3 GOL L . -4.52 12.70 10.43
S SO4 M . -36.10 -2.06 -17.27
O1 SO4 M . -36.52 -0.68 -17.41
O2 SO4 M . -37.28 -2.90 -17.04
O3 SO4 M . -35.39 -2.52 -18.46
O4 SO4 M . -35.17 -2.16 -16.15
S SO4 N . 0.77 -8.51 -11.60
O1 SO4 N . 1.55 -7.47 -12.26
O2 SO4 N . -0.60 -8.46 -12.04
O3 SO4 N . 1.33 -9.82 -11.92
O4 SO4 N . 0.86 -8.31 -10.16
S SO4 O . -32.59 3.81 -26.80
O1 SO4 O . -32.49 5.00 -27.65
O2 SO4 O . -34.03 3.55 -26.53
O3 SO4 O . -32.02 2.69 -27.53
O4 SO4 O . -31.75 4.14 -25.61
S SO4 P . -24.38 16.96 -16.51
O1 SO4 P . -25.25 17.15 -17.67
O2 SO4 P . -24.80 15.77 -15.78
O3 SO4 P . -23.00 16.82 -16.96
O4 SO4 P . -24.48 18.12 -15.63
C1 GOL Q . -26.66 0.75 -28.93
O1 GOL Q . -25.57 0.16 -29.59
C2 GOL Q . -27.70 -0.33 -28.66
O2 GOL Q . -28.90 0.33 -28.27
C3 GOL Q . -27.19 -1.25 -27.55
O3 GOL Q . -26.83 -0.59 -26.34
C1 GOL R . 2.99 -24.80 -8.82
O1 GOL R . 2.10 -24.04 -9.61
C2 GOL R . 4.29 -24.02 -8.63
O2 GOL R . 4.01 -22.78 -8.04
C3 GOL R . 5.24 -24.81 -7.71
O3 GOL R . 6.57 -24.63 -8.15
C1 GOL S . -16.56 -13.66 -13.92
C1 GOL S . -15.94 -13.59 -14.05
O1 GOL S . -17.73 -13.01 -13.48
O1 GOL S . -16.74 -13.04 -13.02
C2 GOL S . -15.54 -12.63 -14.43
C2 GOL S . -14.97 -12.53 -14.54
O2 GOL S . -15.81 -11.36 -13.88
O2 GOL S . -15.49 -11.24 -14.33
C3 GOL S . -14.13 -13.05 -14.08
C3 GOL S . -14.57 -12.80 -16.00
O3 GOL S . -13.36 -13.08 -15.26
O3 GOL S . -15.60 -13.40 -16.73
C1 GOL T . -27.14 -0.46 6.43
O1 GOL T . -28.47 -0.79 6.09
C2 GOL T . -26.40 -1.67 6.98
O2 GOL T . -25.06 -1.28 7.25
C3 GOL T . -26.37 -2.80 5.95
O3 GOL T . -26.20 -4.04 6.60
C1 GOL U . -4.53 16.58 -0.86
O1 GOL U . -3.45 15.89 -0.26
C2 GOL U . -5.78 16.45 -0.01
O2 GOL U . -5.69 17.34 1.08
C3 GOL U . -5.93 15.02 0.49
O3 GOL U . -6.50 15.00 1.77
#